data_6ESA
#
_entry.id   6ESA
#
_cell.length_a   64.939
_cell.length_b   80.327
_cell.length_c   85.002
_cell.angle_alpha   90.00
_cell.angle_beta   90.00
_cell.angle_gamma   90.00
#
_symmetry.space_group_name_H-M   'P 21 21 21'
#
loop_
_entity.id
_entity.type
_entity.pdbx_description
1 polymer 'cAMP-dependent protein kinase catalytic subunit alpha'
2 polymer 'cAMP-dependent protein kinase inhibitor'
3 non-polymer 'ADENOSINE MONOPHOSPHATE'
4 non-polymer (4S)-2-METHYL-2,4-PENTANEDIOL
5 non-polymer beta-D-ribopyranose
6 water water
#
loop_
_entity_poly.entity_id
_entity_poly.type
_entity_poly.pdbx_seq_one_letter_code
_entity_poly.pdbx_strand_id
1 'polypeptide(L)'
;GHMGNAAAAKKG(SEP)EQESVKEFLAKAKEEFLKKWESPSQNTAQLDHFDRIKTLGTGSFGRVMLVKHKETGNHYAMKI
LDKQKVVKLKQIEHTLNEKRILQAVNFPFLVKLEFSFKDNSNLYMVMEYVPGGEMFSHLRRIGRF(SEP)EPHARFYAAQ
IVLTFEYLHSLDLIYRDLKPENLLIDQQGYIQVTDFGFAKRVKGRTW(TPO)LCGTPEYLAPEIILSKGYNKAVDWWALG
VLIYEMAAGYPPFFADQPIQIYEKIVSGKVRFPSHFSSDLKDLLRNLLQVDLTKRFGNLKNGVNDIKNHKWFATTDWIAI
YQRKVEAPFIPKFKGPGDTSNFDDYEEEEIRV(SEP)INEKCGKEFTEF
;
A
2 'polypeptide(L)' TTYADFIASGRTGRRSAI E
#
loop_
_chem_comp.id
_chem_comp.type
_chem_comp.name
_chem_comp.formula
AMP non-polymer 'ADENOSINE MONOPHOSPHATE' 'C10 H14 N5 O7 P'
MPD non-polymer (4S)-2-METHYL-2,4-PENTANEDIOL 'C6 H14 O2'
RIP D-saccharide, beta linking beta-D-ribopyranose 'C5 H10 O5'
#
# COMPACT_ATOMS: atom_id res chain seq x y z
N SEP A 13 6.58 13.75 -27.57
CA SEP A 13 8.00 13.63 -27.13
CB SEP A 13 8.73 14.96 -27.38
OG SEP A 13 10.11 14.81 -27.14
C SEP A 13 8.08 13.28 -25.65
O SEP A 13 8.73 12.30 -25.25
P SEP A 13 10.99 16.12 -27.52
O1P SEP A 13 10.74 16.55 -29.05
O2P SEP A 13 10.63 17.34 -26.53
O3P SEP A 13 12.54 15.71 -27.31
H SEP A 13 6.55 14.12 -28.39
HA SEP A 13 8.44 12.93 -27.64
HB2 SEP A 13 8.36 15.64 -26.79
HB3 SEP A 13 8.60 15.22 -28.31
N GLU A 14 7.42 14.08 -24.83
CA GLU A 14 7.31 13.80 -23.40
C GLU A 14 6.55 12.49 -23.24
N GLN A 15 5.48 12.33 -24.02
CA GLN A 15 4.70 11.11 -23.95
C GLN A 15 5.51 9.91 -24.44
N GLU A 16 6.35 10.09 -25.47
CA GLU A 16 7.22 8.99 -25.89
C GLU A 16 8.21 8.62 -24.81
N SER A 17 8.73 9.60 -24.07
N SER A 17 8.72 9.60 -24.06
CA SER A 17 9.66 9.29 -23.00
CA SER A 17 9.66 9.29 -23.00
C SER A 17 9.00 8.41 -21.94
C SER A 17 9.02 8.44 -21.91
N VAL A 18 7.73 8.68 -21.64
CA VAL A 18 7.00 7.85 -20.67
C VAL A 18 6.79 6.43 -21.22
N LYS A 19 6.36 6.31 -22.48
CA LYS A 19 6.21 4.99 -23.09
C LYS A 19 7.51 4.19 -23.03
N GLU A 20 8.64 4.83 -23.34
CA GLU A 20 9.94 4.15 -23.31
C GLU A 20 10.31 3.73 -21.88
N PHE A 21 10.07 4.60 -20.90
CA PHE A 21 10.30 4.25 -19.49
C PHE A 21 9.54 2.98 -19.14
N LEU A 22 8.24 2.92 -19.48
CA LEU A 22 7.42 1.78 -19.09
C LEU A 22 7.81 0.52 -19.83
N ALA A 23 8.17 0.62 -21.12
CA ALA A 23 8.59 -0.56 -21.88
C ALA A 23 9.85 -1.18 -21.28
N LYS A 24 10.85 -0.36 -20.95
CA LYS A 24 12.07 -0.88 -20.33
C LYS A 24 11.80 -1.45 -18.94
N ALA A 25 10.95 -0.77 -18.15
CA ALA A 25 10.62 -1.27 -16.82
C ALA A 25 9.90 -2.62 -16.88
N LYS A 26 9.09 -2.86 -17.93
CA LYS A 26 8.45 -4.16 -18.09
C LYS A 26 9.46 -5.24 -18.45
N GLU A 27 10.40 -4.94 -19.36
CA GLU A 27 11.47 -5.88 -19.67
C GLU A 27 12.22 -6.30 -18.41
N GLU A 28 12.58 -5.32 -17.58
CA GLU A 28 13.31 -5.59 -16.33
C GLU A 28 12.49 -6.45 -15.37
N PHE A 29 11.22 -6.09 -15.18
CA PHE A 29 10.33 -6.83 -14.30
C PHE A 29 10.17 -8.29 -14.75
N LEU A 30 9.94 -8.50 -16.06
CA LEU A 30 9.62 -9.85 -16.53
C LEU A 30 10.79 -10.81 -16.33
N LYS A 31 12.03 -10.33 -16.45
CA LYS A 31 13.17 -11.22 -16.20
C LYS A 31 13.12 -11.75 -14.77
N LYS A 32 12.85 -10.89 -13.80
CA LYS A 32 12.78 -11.31 -12.40
C LYS A 32 11.51 -12.11 -12.09
N TRP A 33 10.38 -11.73 -12.70
CA TRP A 33 9.12 -12.46 -12.56
C TRP A 33 9.25 -13.91 -13.01
N GLU A 34 9.99 -14.14 -14.09
N GLU A 34 9.97 -14.14 -14.09
CA GLU A 34 10.16 -15.47 -14.68
CA GLU A 34 10.11 -15.51 -14.61
C GLU A 34 11.23 -16.32 -13.98
C GLU A 34 11.18 -16.33 -13.90
N SER A 35 12.17 -15.68 -13.28
CA SER A 35 13.24 -16.38 -12.56
C SER A 35 13.43 -15.74 -11.18
N PRO A 36 12.52 -16.02 -10.24
CA PRO A 36 12.57 -15.33 -8.94
C PRO A 36 13.77 -15.74 -8.10
N SER A 37 14.26 -14.80 -7.28
CA SER A 37 15.25 -15.14 -6.27
C SER A 37 14.60 -15.97 -5.17
N GLN A 38 15.43 -16.74 -4.45
CA GLN A 38 14.98 -17.67 -3.41
C GLN A 38 16.12 -17.89 -2.43
N ASN A 39 15.79 -17.98 -1.14
CA ASN A 39 16.72 -18.47 -0.12
C ASN A 39 17.99 -17.62 -0.03
N THR A 40 17.79 -16.30 0.19
CA THR A 40 18.91 -15.36 0.14
C THR A 40 19.46 -14.91 1.49
N ALA A 41 18.93 -15.44 2.59
CA ALA A 41 19.49 -15.22 3.94
C ALA A 41 18.98 -16.37 4.82
N GLN A 42 19.26 -16.30 6.11
CA GLN A 42 18.71 -17.25 7.08
C GLN A 42 18.48 -16.55 8.41
N LEU A 43 17.69 -17.19 9.27
CA LEU A 43 17.19 -16.51 10.47
C LEU A 43 18.33 -16.09 11.40
N ASP A 44 19.33 -16.98 11.60
CA ASP A 44 20.40 -16.66 12.55
C ASP A 44 21.38 -15.60 12.04
N HIS A 45 21.12 -15.03 10.86
CA HIS A 45 21.84 -13.84 10.41
C HIS A 45 21.36 -12.57 11.10
N PHE A 46 20.28 -12.62 11.88
CA PHE A 46 19.63 -11.42 12.41
C PHE A 46 19.33 -11.60 13.89
N ASP A 47 19.37 -10.49 14.62
CA ASP A 47 18.80 -10.42 15.95
C ASP A 47 17.46 -9.71 15.88
N ARG A 48 16.45 -10.27 16.57
CA ARG A 48 15.12 -9.69 16.55
C ARG A 48 14.96 -8.71 17.71
N ILE A 49 14.42 -7.53 17.42
N ILE A 49 14.43 -7.53 17.42
CA ILE A 49 14.39 -6.42 18.38
CA ILE A 49 14.39 -6.42 18.38
C ILE A 49 12.98 -6.20 18.94
C ILE A 49 12.99 -6.20 18.95
N LYS A 50 12.02 -5.85 18.09
CA LYS A 50 10.65 -5.60 18.55
C LYS A 50 9.70 -5.54 17.36
N THR A 51 8.42 -5.71 17.67
CA THR A 51 7.37 -5.64 16.66
C THR A 51 7.06 -4.20 16.28
N LEU A 52 7.05 -3.94 14.96
CA LEU A 52 6.72 -2.64 14.37
C LEU A 52 5.25 -2.48 14.03
N GLY A 53 4.57 -3.56 13.65
CA GLY A 53 3.18 -3.48 13.23
C GLY A 53 2.66 -4.87 12.92
N THR A 54 1.34 -4.95 12.78
CA THR A 54 0.64 -6.20 12.55
C THR A 54 -0.36 -6.05 11.41
N GLY A 55 -0.70 -7.19 10.82
CA GLY A 55 -1.78 -7.28 9.85
C GLY A 55 -2.58 -8.53 10.12
N SER A 56 -3.55 -8.79 9.23
N SER A 56 -3.56 -8.78 9.25
CA SER A 56 -4.45 -9.93 9.42
CA SER A 56 -4.44 -9.93 9.47
C SER A 56 -3.70 -11.25 9.40
C SER A 56 -3.68 -11.26 9.44
N PHE A 57 -2.53 -11.32 8.76
CA PHE A 57 -1.87 -12.59 8.52
C PHE A 57 -0.53 -12.74 9.22
N GLY A 58 -0.07 -11.75 9.96
CA GLY A 58 1.21 -11.91 10.63
C GLY A 58 1.70 -10.60 11.23
N ARG A 59 3.01 -10.54 11.45
CA ARG A 59 3.61 -9.39 12.09
C ARG A 59 4.88 -9.03 11.36
N VAL A 60 5.30 -7.77 11.55
CA VAL A 60 6.52 -7.22 10.99
C VAL A 60 7.38 -6.77 12.16
N MET A 61 8.61 -7.29 12.21
CA MET A 61 9.55 -7.02 13.31
C MET A 61 10.77 -6.21 12.86
N LEU A 62 11.21 -5.27 13.71
CA LEU A 62 12.54 -4.69 13.56
C LEU A 62 13.60 -5.74 13.90
N VAL A 63 14.57 -5.92 13.00
CA VAL A 63 15.69 -6.84 13.21
C VAL A 63 16.98 -6.10 12.88
N LYS A 64 18.10 -6.62 13.42
CA LYS A 64 19.44 -6.11 13.15
C LYS A 64 20.30 -7.22 12.56
N HIS A 65 20.87 -6.95 11.39
CA HIS A 65 21.75 -7.89 10.72
C HIS A 65 23.08 -7.95 11.46
N LYS A 66 23.49 -9.17 11.85
CA LYS A 66 24.65 -9.31 12.73
C LYS A 66 25.94 -8.86 12.05
N GLU A 67 26.15 -9.21 10.79
CA GLU A 67 27.44 -8.93 10.16
C GLU A 67 27.59 -7.44 9.85
N THR A 68 26.54 -6.81 9.32
CA THR A 68 26.59 -5.44 8.86
C THR A 68 26.20 -4.43 9.93
N GLY A 69 25.40 -4.84 10.92
CA GLY A 69 24.79 -3.88 11.82
C GLY A 69 23.60 -3.13 11.24
N ASN A 70 23.22 -3.39 10.00
CA ASN A 70 22.07 -2.70 9.42
C ASN A 70 20.75 -3.20 10.04
N HIS A 71 19.79 -2.28 10.20
CA HIS A 71 18.45 -2.64 10.61
C HIS A 71 17.55 -2.89 9.39
N TYR A 72 16.60 -3.81 9.55
CA TYR A 72 15.64 -4.18 8.51
C TYR A 72 14.28 -4.44 9.18
N ALA A 73 13.21 -4.53 8.35
CA ALA A 73 11.86 -4.89 8.81
C ALA A 73 11.49 -6.26 8.24
N MET A 74 11.27 -7.23 9.14
N MET A 74 11.30 -7.24 9.13
CA MET A 74 11.09 -8.64 8.78
CA MET A 74 11.09 -8.63 8.71
C MET A 74 9.62 -9.04 8.95
C MET A 74 9.65 -9.04 8.93
N LYS A 75 8.95 -9.32 7.83
CA LYS A 75 7.60 -9.89 7.87
C LYS A 75 7.69 -11.40 8.09
N ILE A 76 6.95 -11.90 9.07
CA ILE A 76 6.97 -13.30 9.48
C ILE A 76 5.57 -13.87 9.29
N LEU A 77 5.46 -14.99 8.55
CA LEU A 77 4.19 -15.70 8.37
C LEU A 77 4.35 -17.15 8.82
N ASP A 78 3.37 -17.62 9.59
CA ASP A 78 3.31 -19.01 10.02
C ASP A 78 2.64 -19.85 8.93
N LYS A 79 3.36 -20.83 8.38
CA LYS A 79 2.86 -21.58 7.21
C LYS A 79 1.53 -22.26 7.50
N GLN A 80 1.40 -22.88 8.67
CA GLN A 80 0.16 -23.57 9.01
C GLN A 80 -1.02 -22.59 9.08
N LYS A 81 -0.78 -21.38 9.59
CA LYS A 81 -1.87 -20.40 9.66
C LYS A 81 -2.24 -19.91 8.27
N VAL A 82 -1.23 -19.68 7.40
CA VAL A 82 -1.51 -19.28 6.02
C VAL A 82 -2.40 -20.33 5.34
N VAL A 83 -2.08 -21.60 5.53
CA VAL A 83 -2.88 -22.68 4.95
C VAL A 83 -4.30 -22.65 5.50
N LYS A 84 -4.44 -22.56 6.83
CA LYS A 84 -5.77 -22.56 7.44
C LYS A 84 -6.62 -21.39 6.98
N LEU A 85 -6.01 -20.22 6.75
CA LEU A 85 -6.74 -19.05 6.32
C LEU A 85 -6.88 -18.96 4.81
N LYS A 86 -6.44 -19.99 4.09
CA LYS A 86 -6.59 -20.06 2.62
C LYS A 86 -5.87 -18.90 1.91
N GLN A 87 -4.66 -18.58 2.39
CA GLN A 87 -3.86 -17.50 1.82
C GLN A 87 -2.58 -18.00 1.13
N ILE A 88 -2.54 -19.27 0.72
CA ILE A 88 -1.31 -19.81 0.12
C ILE A 88 -0.95 -19.04 -1.14
N GLU A 89 -1.86 -19.02 -2.10
CA GLU A 89 -1.57 -18.39 -3.39
C GLU A 89 -1.31 -16.90 -3.22
N HIS A 90 -2.06 -16.23 -2.33
CA HIS A 90 -1.82 -14.81 -2.08
C HIS A 90 -0.41 -14.56 -1.54
N THR A 91 0.09 -15.44 -0.67
CA THR A 91 1.43 -15.26 -0.11
C THR A 91 2.50 -15.51 -1.16
N LEU A 92 2.29 -16.50 -2.03
CA LEU A 92 3.21 -16.74 -3.14
C LEU A 92 3.22 -15.54 -4.09
N ASN A 93 2.04 -14.95 -4.35
CA ASN A 93 1.97 -13.70 -5.13
C ASN A 93 2.82 -12.60 -4.48
N GLU A 94 2.62 -12.37 -3.18
CA GLU A 94 3.30 -11.26 -2.50
C GLU A 94 4.81 -11.34 -2.71
N LYS A 95 5.40 -12.50 -2.46
CA LYS A 95 6.85 -12.64 -2.53
C LYS A 95 7.33 -12.59 -3.98
N ARG A 96 6.62 -13.23 -4.90
CA ARG A 96 7.08 -13.25 -6.30
C ARG A 96 7.04 -11.84 -6.91
N ILE A 97 5.99 -11.07 -6.58
CA ILE A 97 5.86 -9.70 -7.07
C ILE A 97 6.91 -8.78 -6.43
N LEU A 98 7.02 -8.81 -5.09
N LEU A 98 7.04 -8.82 -5.10
CA LEU A 98 7.94 -7.90 -4.42
CA LEU A 98 7.92 -7.86 -4.43
C LEU A 98 9.36 -8.06 -4.91
C LEU A 98 9.40 -8.07 -4.77
N GLN A 99 9.82 -9.31 -5.09
CA GLN A 99 11.21 -9.51 -5.51
C GLN A 99 11.45 -9.03 -6.95
N ALA A 100 10.40 -8.81 -7.73
CA ALA A 100 10.52 -8.42 -9.13
C ALA A 100 10.36 -6.93 -9.43
N VAL A 101 9.76 -6.15 -8.52
CA VAL A 101 9.49 -4.73 -8.79
C VAL A 101 10.67 -3.83 -8.38
N ASN A 102 10.66 -2.60 -8.91
CA ASN A 102 11.69 -1.59 -8.64
C ASN A 102 11.09 -0.21 -8.93
N PHE A 103 10.72 0.54 -7.89
CA PHE A 103 10.11 1.86 -8.09
C PHE A 103 10.41 2.73 -6.88
N PRO A 104 10.50 4.06 -7.03
CA PRO A 104 10.93 4.88 -5.87
C PRO A 104 10.02 4.77 -4.67
N PHE A 105 8.73 4.50 -4.86
CA PHE A 105 7.72 4.55 -3.79
C PHE A 105 7.23 3.16 -3.38
N LEU A 106 7.97 2.10 -3.74
CA LEU A 106 7.69 0.74 -3.30
C LEU A 106 8.81 0.29 -2.37
N VAL A 107 8.45 -0.27 -1.20
CA VAL A 107 9.48 -0.77 -0.30
C VAL A 107 10.33 -1.85 -0.97
N LYS A 108 11.61 -1.87 -0.63
CA LYS A 108 12.58 -2.80 -1.21
C LYS A 108 12.62 -4.09 -0.41
N LEU A 109 12.42 -5.22 -1.09
CA LEU A 109 12.66 -6.53 -0.47
C LEU A 109 14.15 -6.86 -0.59
N GLU A 110 14.84 -6.99 0.55
CA GLU A 110 16.27 -7.24 0.56
C GLU A 110 16.61 -8.73 0.56
N PHE A 111 15.87 -9.54 1.33
CA PHE A 111 16.11 -10.99 1.43
C PHE A 111 14.78 -11.71 1.62
N SER A 112 14.76 -13.01 1.28
CA SER A 112 13.64 -13.86 1.66
C SER A 112 14.15 -15.28 1.92
N PHE A 113 13.42 -16.02 2.76
CA PHE A 113 13.78 -17.41 3.09
C PHE A 113 12.64 -18.03 3.90
N LYS A 114 12.74 -19.34 4.13
CA LYS A 114 11.75 -20.07 4.92
C LYS A 114 12.47 -21.10 5.78
N ASP A 115 11.79 -21.58 6.82
CA ASP A 115 12.30 -22.69 7.63
C ASP A 115 11.19 -23.71 7.89
N ASN A 116 11.37 -24.62 8.85
CA ASN A 116 10.36 -25.65 9.03
C ASN A 116 8.97 -25.07 9.30
N SER A 117 8.88 -23.93 10.01
CA SER A 117 7.59 -23.38 10.45
C SER A 117 7.11 -22.14 9.70
N ASN A 118 8.00 -21.24 9.29
CA ASN A 118 7.61 -19.89 8.89
C ASN A 118 8.19 -19.49 7.53
N LEU A 119 7.61 -18.43 6.97
CA LEU A 119 8.12 -17.72 5.80
C LEU A 119 8.57 -16.33 6.24
N TYR A 120 9.66 -15.83 5.64
CA TYR A 120 10.25 -14.55 6.04
C TYR A 120 10.52 -13.66 4.83
N MET A 121 10.09 -12.39 4.90
CA MET A 121 10.40 -11.37 3.89
C MET A 121 11.07 -10.20 4.59
N VAL A 122 12.36 -9.97 4.31
CA VAL A 122 13.16 -8.95 4.98
C VAL A 122 13.22 -7.73 4.07
N MET A 123 12.60 -6.62 4.49
CA MET A 123 12.51 -5.37 3.76
C MET A 123 13.45 -4.31 4.34
N GLU A 124 13.75 -3.29 3.54
CA GLU A 124 14.33 -2.07 4.11
C GLU A 124 13.42 -1.53 5.23
N TYR A 125 14.03 -1.12 6.35
CA TYR A 125 13.29 -0.52 7.46
C TYR A 125 12.97 0.94 7.14
N VAL A 126 11.68 1.29 7.15
CA VAL A 126 11.22 2.65 6.85
C VAL A 126 10.90 3.32 8.19
N PRO A 127 11.73 4.24 8.69
CA PRO A 127 11.68 4.61 10.11
C PRO A 127 10.65 5.67 10.50
N GLY A 128 10.05 6.35 9.55
CA GLY A 128 9.20 7.48 9.86
C GLY A 128 7.79 7.15 10.29
N GLY A 129 7.42 5.86 10.33
CA GLY A 129 6.09 5.44 10.75
C GLY A 129 5.08 5.40 9.62
N GLU A 130 3.88 4.93 9.96
CA GLU A 130 2.77 4.92 9.01
C GLU A 130 2.23 6.33 8.78
N MET A 131 1.84 6.64 7.53
CA MET A 131 1.09 7.86 7.29
C MET A 131 -0.08 7.96 8.25
N PHE A 132 -0.76 6.83 8.48
CA PHE A 132 -1.91 6.74 9.39
C PHE A 132 -1.69 7.50 10.70
N SER A 133 -0.55 7.26 11.35
N SER A 133 -0.55 7.28 11.36
CA SER A 133 -0.29 7.84 12.67
CA SER A 133 -0.40 7.86 12.70
C SER A 133 -0.22 9.36 12.60
C SER A 133 -0.19 9.38 12.63
N HIS A 134 0.50 9.87 11.60
CA HIS A 134 0.64 11.32 11.43
C HIS A 134 -0.68 11.97 11.06
N LEU A 135 -1.45 11.33 10.18
CA LEU A 135 -2.76 11.84 9.75
C LEU A 135 -3.74 11.92 10.92
N ARG A 136 -3.84 10.86 11.71
CA ARG A 136 -4.74 10.89 12.86
C ARG A 136 -4.33 11.98 13.86
N ARG A 137 -3.04 12.08 14.15
CA ARG A 137 -2.56 13.06 15.13
C ARG A 137 -2.85 14.50 14.69
N ILE A 138 -2.50 14.85 13.44
CA ILE A 138 -2.68 16.23 12.97
C ILE A 138 -4.14 16.54 12.64
N GLY A 139 -4.98 15.53 12.45
CA GLY A 139 -6.38 15.72 12.11
C GLY A 139 -6.61 15.54 10.62
N ARG A 140 -6.12 16.49 9.82
N ARG A 140 -6.14 16.50 9.82
CA ARG A 140 -6.22 16.41 8.36
CA ARG A 140 -6.20 16.40 8.36
C ARG A 140 -5.03 17.14 7.74
C ARG A 140 -4.96 17.07 7.79
N PHE A 141 -4.68 16.75 6.52
CA PHE A 141 -3.60 17.39 5.76
C PHE A 141 -4.17 18.54 4.91
N SEP A 142 -3.42 19.61 4.73
CA SEP A 142 -3.79 20.64 3.76
CB SEP A 142 -2.77 21.77 3.74
OG SEP A 142 -1.53 21.32 3.14
C SEP A 142 -3.88 20.04 2.36
O SEP A 142 -3.28 18.99 2.08
P SEP A 142 -0.67 22.62 3.69
O1P SEP A 142 0.49 23.21 2.77
O2P SEP A 142 -1.63 23.92 3.77
O3P SEP A 142 -0.17 22.35 5.21
H SEP A 142 -2.67 19.76 5.13
HA SEP A 142 -4.66 21.02 4.00
HB2 SEP A 142 -2.59 22.06 4.65
HB3 SEP A 142 -3.12 22.52 3.22
N GLU A 143 -4.55 20.73 1.42
CA GLU A 143 -4.62 20.21 0.05
C GLU A 143 -3.21 20.10 -0.60
N PRO A 144 -2.32 21.10 -0.47
CA PRO A 144 -0.96 20.88 -1.03
C PRO A 144 -0.24 19.66 -0.48
N HIS A 145 -0.39 19.38 0.80
N HIS A 145 -0.40 19.41 0.84
CA HIS A 145 0.29 18.23 1.36
CA HIS A 145 0.20 18.26 1.53
C HIS A 145 -0.37 16.92 0.91
C HIS A 145 -0.38 16.94 1.01
N ALA A 146 -1.71 16.88 0.92
CA ALA A 146 -2.40 15.70 0.37
C ALA A 146 -2.00 15.46 -1.09
N ARG A 147 -1.84 16.52 -1.87
CA ARG A 147 -1.48 16.41 -3.30
C ARG A 147 -0.08 15.82 -3.47
N PHE A 148 0.89 16.25 -2.65
CA PHE A 148 2.25 15.71 -2.67
C PHE A 148 2.22 14.18 -2.52
N TYR A 149 1.47 13.68 -1.52
CA TYR A 149 1.37 12.25 -1.29
C TYR A 149 0.61 11.56 -2.43
N ALA A 150 -0.52 12.16 -2.84
CA ALA A 150 -1.35 11.56 -3.90
C ALA A 150 -0.56 11.36 -5.19
N ALA A 151 0.28 12.34 -5.57
CA ALA A 151 1.05 12.23 -6.82
C ALA A 151 1.94 10.98 -6.81
N GLN A 152 2.52 10.65 -5.65
CA GLN A 152 3.37 9.46 -5.56
C GLN A 152 2.55 8.20 -5.83
N ILE A 153 1.33 8.13 -5.28
CA ILE A 153 0.46 6.97 -5.53
C ILE A 153 0.03 6.89 -7.00
N VAL A 154 -0.30 8.03 -7.60
CA VAL A 154 -0.65 8.03 -9.03
C VAL A 154 0.46 7.39 -9.86
N LEU A 155 1.71 7.83 -9.66
CA LEU A 155 2.86 7.27 -10.40
C LEU A 155 3.06 5.80 -10.10
N THR A 156 2.89 5.40 -8.83
CA THR A 156 3.05 4.00 -8.43
C THR A 156 2.04 3.10 -9.12
N PHE A 157 0.78 3.54 -9.19
CA PHE A 157 -0.26 2.76 -9.88
C PHE A 157 -0.03 2.76 -11.40
N GLU A 158 0.43 3.87 -12.00
CA GLU A 158 0.80 3.84 -13.42
C GLU A 158 1.83 2.74 -13.67
N TYR A 159 2.89 2.67 -12.85
CA TYR A 159 3.90 1.62 -12.93
C TYR A 159 3.33 0.22 -12.74
N LEU A 160 2.64 -0.01 -11.62
CA LEU A 160 2.13 -1.35 -11.33
C LEU A 160 1.15 -1.84 -12.40
N HIS A 161 0.18 -1.01 -12.77
CA HIS A 161 -0.83 -1.42 -13.75
C HIS A 161 -0.20 -1.73 -15.10
N SER A 162 0.85 -1.01 -15.47
N SER A 162 0.85 -1.02 -15.47
CA SER A 162 1.54 -1.26 -16.75
CA SER A 162 1.53 -1.29 -16.74
C SER A 162 2.20 -2.66 -16.78
C SER A 162 2.11 -2.70 -16.77
N LEU A 163 2.48 -3.24 -15.61
CA LEU A 163 3.04 -4.58 -15.43
C LEU A 163 1.95 -5.64 -15.24
N ASP A 164 0.69 -5.24 -15.41
CA ASP A 164 -0.50 -6.10 -15.21
C ASP A 164 -0.72 -6.42 -13.73
N LEU A 165 -0.19 -5.60 -12.81
CA LEU A 165 -0.34 -5.80 -11.37
C LEU A 165 -1.46 -4.94 -10.80
N ILE A 166 -2.32 -5.54 -9.99
N ILE A 166 -2.29 -5.51 -9.94
CA ILE A 166 -3.30 -4.83 -9.15
CA ILE A 166 -3.26 -4.76 -9.16
C ILE A 166 -2.79 -4.88 -7.71
C ILE A 166 -2.92 -4.91 -7.68
N TYR A 167 -2.96 -3.80 -6.95
CA TYR A 167 -2.41 -3.72 -5.60
C TYR A 167 -3.42 -4.16 -4.52
N ARG A 168 -4.62 -3.56 -4.51
CA ARG A 168 -5.78 -4.05 -3.76
C ARG A 168 -5.74 -3.85 -2.23
N ASP A 169 -4.80 -3.09 -1.68
CA ASP A 169 -4.90 -2.78 -0.25
C ASP A 169 -4.40 -1.37 0.08
N LEU A 170 -4.73 -0.38 -0.76
CA LEU A 170 -4.35 0.99 -0.45
C LEU A 170 -5.04 1.51 0.82
N LYS A 171 -4.29 2.09 1.74
CA LYS A 171 -4.78 2.73 2.95
C LYS A 171 -3.58 3.39 3.66
N PRO A 172 -3.82 4.40 4.52
CA PRO A 172 -2.69 5.07 5.21
C PRO A 172 -1.81 4.16 6.06
N GLU A 173 -2.37 3.06 6.59
CA GLU A 173 -1.62 2.09 7.39
C GLU A 173 -0.50 1.43 6.59
N ASN A 174 -0.62 1.38 5.27
CA ASN A 174 0.35 0.73 4.38
C ASN A 174 1.28 1.71 3.68
N LEU A 175 1.21 3.01 4.00
CA LEU A 175 2.03 4.03 3.35
C LEU A 175 3.03 4.55 4.39
N LEU A 176 4.26 4.09 4.31
CA LEU A 176 5.28 4.44 5.31
C LEU A 176 6.05 5.69 4.87
N ILE A 177 6.42 6.54 5.84
CA ILE A 177 7.12 7.79 5.55
C ILE A 177 8.61 7.58 5.78
N ASP A 178 9.42 7.83 4.75
CA ASP A 178 10.87 7.64 4.83
C ASP A 178 11.58 8.89 5.36
N GLN A 179 12.91 8.80 5.47
CA GLN A 179 13.67 9.90 6.09
C GLN A 179 13.71 11.16 5.23
N GLN A 180 13.27 11.11 3.98
N GLN A 180 13.30 11.08 3.97
CA GLN A 180 13.15 12.30 3.16
CA GLN A 180 13.14 12.21 3.07
C GLN A 180 11.71 12.78 3.07
C GLN A 180 11.73 12.79 3.11
N GLY A 181 10.80 12.16 3.83
CA GLY A 181 9.40 12.57 3.84
C GLY A 181 8.56 12.01 2.70
N TYR A 182 9.10 11.07 1.93
CA TYR A 182 8.40 10.43 0.82
C TYR A 182 7.80 9.09 1.25
N ILE A 183 6.86 8.58 0.44
CA ILE A 183 6.16 7.33 0.72
C ILE A 183 6.91 6.09 0.25
N GLN A 184 6.81 5.03 1.03
CA GLN A 184 7.12 3.66 0.61
C GLN A 184 5.90 2.77 0.90
N VAL A 185 5.31 2.19 -0.14
CA VAL A 185 4.16 1.31 -0.01
C VAL A 185 4.66 -0.05 0.48
N THR A 186 4.00 -0.58 1.52
CA THR A 186 4.28 -1.92 2.04
C THR A 186 3.02 -2.80 1.94
N ASP A 187 3.19 -4.11 2.19
CA ASP A 187 2.16 -5.13 2.27
C ASP A 187 1.56 -5.43 0.91
N PHE A 188 2.15 -6.39 0.20
CA PHE A 188 1.69 -6.85 -1.11
C PHE A 188 0.91 -8.18 -0.98
N GLY A 189 0.34 -8.44 0.21
CA GLY A 189 -0.41 -9.67 0.44
C GLY A 189 -1.58 -9.91 -0.50
N PHE A 190 -2.20 -8.87 -1.02
CA PHE A 190 -3.31 -8.98 -1.97
C PHE A 190 -2.94 -8.58 -3.40
N ALA A 191 -1.67 -8.27 -3.65
CA ALA A 191 -1.26 -7.91 -5.00
C ALA A 191 -1.28 -9.14 -5.92
N LYS A 192 -1.66 -8.93 -7.19
CA LYS A 192 -1.85 -10.03 -8.11
C LYS A 192 -1.55 -9.59 -9.53
N ARG A 193 -0.91 -10.47 -10.30
CA ARG A 193 -0.66 -10.24 -11.74
C ARG A 193 -1.80 -10.87 -12.55
N VAL A 194 -2.58 -10.02 -13.22
CA VAL A 194 -3.81 -10.45 -13.90
C VAL A 194 -4.00 -9.63 -15.16
N LYS A 195 -4.27 -10.31 -16.27
CA LYS A 195 -4.76 -9.65 -17.49
C LYS A 195 -6.27 -9.92 -17.59
N GLY A 196 -7.07 -8.87 -17.71
CA GLY A 196 -8.51 -9.09 -17.59
C GLY A 196 -8.96 -9.09 -16.12
N ARG A 197 -10.07 -9.75 -15.87
CA ARG A 197 -10.79 -9.53 -14.62
C ARG A 197 -10.46 -10.62 -13.59
N THR A 198 -10.75 -10.29 -12.32
CA THR A 198 -10.62 -11.20 -11.19
C THR A 198 -11.79 -11.01 -10.23
N TRP A 199 -11.89 -11.87 -9.20
CA TRP A 199 -13.12 -11.93 -8.36
C TRP A 199 -12.94 -11.97 -6.83
N TPO A 200 -11.72 -12.04 -6.31
CA TPO A 200 -11.57 -12.32 -4.88
CB TPO A 200 -10.10 -12.56 -4.53
CG2 TPO A 200 -9.94 -12.89 -3.04
OG1 TPO A 200 -9.59 -13.67 -5.27
P TPO A 200 -8.35 -13.39 -6.28
O1P TPO A 200 -8.79 -12.18 -7.18
O2P TPO A 200 -8.22 -14.69 -7.11
O3P TPO A 200 -7.13 -13.08 -5.45
C TPO A 200 -12.12 -11.17 -4.01
O TPO A 200 -11.83 -9.99 -4.25
H TPO A 200 -10.98 -11.95 -6.75
HA TPO A 200 -12.06 -13.13 -4.66
HB TPO A 200 -9.53 -11.67 -4.76
HG21 TPO A 200 -8.88 -13.05 -2.81
HG22 TPO A 200 -10.51 -13.79 -2.79
HG23 TPO A 200 -10.31 -12.05 -2.44
N LEU A 201 -12.91 -11.54 -3.00
CA LEU A 201 -13.36 -10.58 -1.99
C LEU A 201 -12.19 -10.30 -1.03
N CYS A 202 -11.48 -9.20 -1.24
CA CYS A 202 -10.32 -8.85 -0.43
C CYS A 202 -10.17 -7.34 -0.41
N GLY A 203 -9.43 -6.84 0.59
CA GLY A 203 -9.18 -5.44 0.84
C GLY A 203 -9.57 -5.03 2.24
N THR A 204 -9.72 -3.73 2.48
CA THR A 204 -10.10 -3.18 3.79
C THR A 204 -11.44 -2.47 3.64
N PRO A 205 -12.40 -2.65 4.58
CA PRO A 205 -13.80 -2.23 4.29
C PRO A 205 -13.97 -0.82 3.74
N GLU A 206 -13.37 0.18 4.37
CA GLU A 206 -13.55 1.58 3.96
C GLU A 206 -13.10 1.83 2.53
N TYR A 207 -12.22 0.99 1.98
CA TYR A 207 -11.54 1.22 0.72
C TYR A 207 -12.07 0.34 -0.42
N LEU A 208 -13.04 -0.55 -0.15
CA LEU A 208 -13.55 -1.45 -1.20
C LEU A 208 -14.40 -0.71 -2.24
N ALA A 209 -14.12 -0.98 -3.52
CA ALA A 209 -14.95 -0.49 -4.59
C ALA A 209 -16.30 -1.21 -4.64
N PRO A 210 -17.34 -0.54 -5.17
CA PRO A 210 -18.66 -1.18 -5.25
C PRO A 210 -18.64 -2.55 -5.94
N GLU A 211 -17.88 -2.69 -7.04
CA GLU A 211 -17.88 -3.94 -7.79
C GLU A 211 -17.32 -5.10 -6.99
N ILE A 212 -16.43 -4.84 -6.02
CA ILE A 212 -15.96 -5.89 -5.11
C ILE A 212 -17.11 -6.32 -4.18
N ILE A 213 -17.75 -5.34 -3.54
CA ILE A 213 -18.84 -5.61 -2.59
C ILE A 213 -19.97 -6.39 -3.26
N LEU A 214 -20.28 -6.05 -4.51
CA LEU A 214 -21.39 -6.64 -5.25
C LEU A 214 -21.02 -7.95 -5.93
N SER A 215 -19.82 -8.47 -5.66
N SER A 215 -19.81 -8.45 -5.68
CA SER A 215 -19.41 -9.78 -6.18
CA SER A 215 -19.39 -9.76 -6.16
C SER A 215 -19.46 -9.80 -7.70
C SER A 215 -19.41 -9.80 -7.68
N LYS A 216 -19.03 -8.70 -8.29
CA LYS A 216 -18.82 -8.65 -9.73
C LYS A 216 -17.34 -8.91 -9.97
N GLY A 217 -17.05 -9.36 -11.18
CA GLY A 217 -15.70 -9.30 -11.68
C GLY A 217 -15.19 -7.87 -11.68
N TYR A 218 -13.89 -7.72 -11.54
CA TYR A 218 -13.29 -6.41 -11.42
C TYR A 218 -11.87 -6.39 -11.95
N ASN A 219 -11.31 -5.19 -12.07
CA ASN A 219 -9.99 -4.98 -12.69
C ASN A 219 -9.25 -3.87 -11.93
N LYS A 220 -8.25 -3.27 -12.58
CA LYS A 220 -7.41 -2.23 -11.97
C LYS A 220 -8.19 -0.99 -11.57
N ALA A 221 -9.41 -0.82 -12.06
CA ALA A 221 -10.21 0.32 -11.62
C ALA A 221 -10.49 0.30 -10.12
N VAL A 222 -10.37 -0.84 -9.43
CA VAL A 222 -10.56 -0.81 -7.98
C VAL A 222 -9.46 -0.02 -7.27
N ASP A 223 -8.23 0.00 -7.82
CA ASP A 223 -7.15 0.78 -7.21
C ASP A 223 -7.42 2.28 -7.37
N TRP A 224 -8.00 2.71 -8.52
CA TRP A 224 -8.32 4.13 -8.71
C TRP A 224 -9.45 4.59 -7.80
N TRP A 225 -10.48 3.75 -7.57
CA TRP A 225 -11.48 4.01 -6.53
C TRP A 225 -10.81 4.20 -5.17
N ALA A 226 -9.91 3.28 -4.81
CA ALA A 226 -9.25 3.39 -3.50
C ALA A 226 -8.41 4.67 -3.39
N LEU A 227 -7.81 5.14 -4.49
CA LEU A 227 -7.12 6.42 -4.48
C LEU A 227 -8.09 7.56 -4.13
N GLY A 228 -9.30 7.54 -4.67
CA GLY A 228 -10.31 8.53 -4.27
C GLY A 228 -10.59 8.52 -2.78
N VAL A 229 -10.75 7.32 -2.20
CA VAL A 229 -10.95 7.20 -0.75
C VAL A 229 -9.77 7.78 0.01
N LEU A 230 -8.54 7.44 -0.41
CA LEU A 230 -7.32 7.91 0.26
C LEU A 230 -7.21 9.44 0.23
N ILE A 231 -7.40 10.05 -0.95
CA ILE A 231 -7.28 11.51 -1.05
C ILE A 231 -8.35 12.18 -0.18
N TYR A 232 -9.59 11.68 -0.22
CA TYR A 232 -10.66 12.21 0.64
C TYR A 232 -10.23 12.13 2.11
N GLU A 233 -9.77 10.94 2.57
CA GLU A 233 -9.41 10.78 3.98
C GLU A 233 -8.25 11.71 4.38
N MET A 234 -7.23 11.85 3.52
CA MET A 234 -6.13 12.76 3.82
C MET A 234 -6.60 14.20 3.98
N ALA A 235 -7.47 14.68 3.08
CA ALA A 235 -7.89 16.09 3.08
C ALA A 235 -9.02 16.38 4.08
N ALA A 236 -9.86 15.40 4.42
CA ALA A 236 -10.96 15.58 5.37
C ALA A 236 -10.59 15.23 6.81
N GLY A 237 -9.74 14.23 7.00
CA GLY A 237 -9.47 13.66 8.29
C GLY A 237 -10.33 12.48 8.68
N TYR A 238 -11.27 12.10 7.83
CA TYR A 238 -12.14 10.95 8.02
C TYR A 238 -12.49 10.40 6.64
N PRO A 239 -12.86 9.12 6.55
CA PRO A 239 -13.15 8.51 5.23
C PRO A 239 -14.48 9.00 4.67
N PRO A 240 -14.71 8.82 3.36
CA PRO A 240 -15.98 9.24 2.75
C PRO A 240 -17.14 8.35 3.16
N PHE A 241 -16.87 7.09 3.52
CA PHE A 241 -17.91 6.13 3.93
C PHE A 241 -17.43 5.51 5.25
N PHE A 242 -18.05 5.88 6.37
CA PHE A 242 -17.66 5.36 7.66
C PHE A 242 -18.88 4.98 8.50
N ALA A 243 -18.71 4.01 9.38
CA ALA A 243 -19.75 3.56 10.31
C ALA A 243 -19.08 2.72 11.39
N ASP A 244 -19.88 2.15 12.27
CA ASP A 244 -19.30 1.32 13.33
C ASP A 244 -19.06 -0.12 12.89
N GLN A 245 -19.77 -0.59 11.86
CA GLN A 245 -19.63 -1.96 11.41
C GLN A 245 -19.49 -2.02 9.90
N PRO A 246 -18.76 -3.00 9.37
CA PRO A 246 -18.55 -3.04 7.90
C PRO A 246 -19.83 -3.03 7.06
N ILE A 247 -20.88 -3.76 7.45
CA ILE A 247 -22.08 -3.83 6.61
C ILE A 247 -22.67 -2.44 6.36
N GLN A 248 -22.66 -1.58 7.38
CA GLN A 248 -23.17 -0.23 7.19
C GLN A 248 -22.27 0.60 6.27
N ILE A 249 -20.96 0.35 6.28
CA ILE A 249 -20.04 0.99 5.33
C ILE A 249 -20.40 0.60 3.90
N TYR A 250 -20.63 -0.69 3.67
CA TYR A 250 -20.88 -1.19 2.32
C TYR A 250 -22.16 -0.60 1.75
N GLU A 251 -23.19 -0.42 2.58
CA GLU A 251 -24.42 0.22 2.11
C GLU A 251 -24.15 1.63 1.59
N LYS A 252 -23.29 2.39 2.26
CA LYS A 252 -22.97 3.74 1.81
C LYS A 252 -22.16 3.73 0.52
N ILE A 253 -21.16 2.84 0.42
CA ILE A 253 -20.31 2.74 -0.77
C ILE A 253 -21.16 2.50 -2.02
N VAL A 254 -22.09 1.54 -1.97
CA VAL A 254 -22.84 1.21 -3.18
C VAL A 254 -23.92 2.23 -3.53
N SER A 255 -24.26 3.15 -2.61
CA SER A 255 -25.40 4.05 -2.78
C SER A 255 -25.24 5.06 -3.91
N GLY A 256 -24.01 5.42 -4.27
CA GLY A 256 -23.79 6.48 -5.22
C GLY A 256 -23.76 7.87 -4.61
N LYS A 257 -23.93 7.99 -3.29
CA LYS A 257 -23.93 9.27 -2.59
C LYS A 257 -22.60 9.49 -1.88
N VAL A 258 -22.08 10.72 -1.97
CA VAL A 258 -20.89 11.15 -1.24
C VAL A 258 -21.07 12.63 -0.92
N ARG A 259 -20.68 13.02 0.29
CA ARG A 259 -20.76 14.39 0.78
C ARG A 259 -19.34 14.87 1.08
N PHE A 260 -19.05 16.12 0.76
CA PHE A 260 -17.69 16.66 0.92
C PHE A 260 -17.67 17.74 1.99
N PRO A 261 -16.60 17.82 2.80
CA PRO A 261 -16.44 18.96 3.72
C PRO A 261 -16.58 20.30 3.00
N SER A 262 -17.09 21.31 3.72
CA SER A 262 -17.30 22.62 3.11
C SER A 262 -15.98 23.25 2.67
N HIS A 263 -14.86 22.90 3.30
CA HIS A 263 -13.56 23.47 2.96
C HIS A 263 -12.89 22.87 1.73
N PHE A 264 -13.39 21.77 1.16
CA PHE A 264 -12.78 21.19 -0.04
C PHE A 264 -12.87 22.17 -1.21
N SER A 265 -11.77 22.33 -1.96
CA SER A 265 -11.77 23.16 -3.16
C SER A 265 -12.72 22.62 -4.24
N SER A 266 -13.06 23.50 -5.19
CA SER A 266 -13.86 23.05 -6.35
C SER A 266 -13.14 21.93 -7.10
N ASP A 267 -11.84 22.11 -7.38
CA ASP A 267 -11.13 21.10 -8.16
C ASP A 267 -11.00 19.78 -7.42
N LEU A 268 -10.84 19.81 -6.09
CA LEU A 268 -10.75 18.56 -5.32
C LEU A 268 -12.08 17.79 -5.41
N LYS A 269 -13.21 18.46 -5.20
CA LYS A 269 -14.51 17.78 -5.30
C LYS A 269 -14.69 17.15 -6.69
N ASP A 270 -14.30 17.87 -7.75
CA ASP A 270 -14.48 17.38 -9.12
C ASP A 270 -13.63 16.12 -9.33
N LEU A 271 -12.36 16.14 -8.91
CA LEU A 271 -11.50 14.95 -9.02
C LEU A 271 -12.09 13.77 -8.25
N LEU A 272 -12.51 14.02 -7.01
CA LEU A 272 -13.00 12.94 -6.16
C LEU A 272 -14.30 12.31 -6.71
N ARG A 273 -15.22 13.10 -7.25
N ARG A 273 -15.22 13.11 -7.24
CA ARG A 273 -16.41 12.48 -7.85
CA ARG A 273 -16.41 12.50 -7.85
C ARG A 273 -16.06 11.64 -9.08
C ARG A 273 -16.03 11.62 -9.04
N ASN A 274 -15.00 12.01 -9.80
CA ASN A 274 -14.53 11.22 -10.94
C ASN A 274 -13.85 9.91 -10.52
N LEU A 275 -13.14 9.89 -9.38
CA LEU A 275 -12.52 8.66 -8.87
C LEU A 275 -13.53 7.77 -8.13
N LEU A 276 -14.51 8.39 -7.47
CA LEU A 276 -15.54 7.68 -6.70
C LEU A 276 -16.81 7.46 -7.52
N GLN A 277 -16.67 7.16 -8.81
N GLN A 277 -16.66 7.21 -8.83
CA GLN A 277 -17.80 6.86 -9.67
CA GLN A 277 -17.78 6.80 -9.68
C GLN A 277 -18.16 5.38 -9.51
C GLN A 277 -18.13 5.36 -9.37
N VAL A 278 -19.40 5.10 -9.09
CA VAL A 278 -19.79 3.73 -8.77
C VAL A 278 -19.75 2.82 -9.97
N ASP A 279 -19.97 3.34 -11.18
CA ASP A 279 -19.89 2.56 -12.42
C ASP A 279 -18.44 2.58 -12.92
N LEU A 280 -17.76 1.44 -12.84
CA LEU A 280 -16.35 1.37 -13.19
C LEU A 280 -16.08 1.81 -14.62
N THR A 281 -17.07 1.71 -15.51
CA THR A 281 -16.86 2.08 -16.91
C THR A 281 -16.80 3.58 -17.10
N LYS A 282 -17.14 4.37 -16.06
CA LYS A 282 -17.14 5.81 -16.10
C LYS A 282 -16.08 6.43 -15.18
N ARG A 283 -15.23 5.61 -14.56
CA ARG A 283 -14.34 6.05 -13.50
C ARG A 283 -12.99 6.52 -14.06
N PHE A 284 -12.50 7.65 -13.55
CA PHE A 284 -11.16 8.09 -13.93
C PHE A 284 -10.11 7.04 -13.62
N GLY A 285 -9.14 6.92 -14.52
CA GLY A 285 -8.16 5.86 -14.50
C GLY A 285 -8.55 4.70 -15.38
N ASN A 286 -9.84 4.58 -15.74
CA ASN A 286 -10.37 3.45 -16.50
C ASN A 286 -11.06 3.89 -17.79
N LEU A 287 -10.87 5.14 -18.23
CA LEU A 287 -11.42 5.63 -19.49
C LEU A 287 -10.36 5.47 -20.59
N LYS A 288 -10.70 5.93 -21.81
CA LYS A 288 -9.78 5.73 -22.95
C LYS A 288 -8.39 6.29 -22.69
N ASN A 289 -8.28 7.44 -22.03
CA ASN A 289 -6.99 8.08 -21.79
C ASN A 289 -6.32 7.58 -20.51
N GLY A 290 -6.88 6.60 -19.82
CA GLY A 290 -6.17 5.97 -18.71
C GLY A 290 -5.72 6.94 -17.63
N VAL A 291 -4.48 6.75 -17.15
CA VAL A 291 -3.96 7.57 -16.06
C VAL A 291 -3.87 9.05 -16.44
N ASN A 292 -3.85 9.37 -17.74
CA ASN A 292 -3.66 10.77 -18.11
C ASN A 292 -4.87 11.64 -17.73
N ASP A 293 -6.07 11.06 -17.61
CA ASP A 293 -7.20 11.87 -17.13
C ASP A 293 -6.94 12.36 -15.70
N ILE A 294 -6.22 11.59 -14.89
CA ILE A 294 -5.86 12.01 -13.54
C ILE A 294 -4.70 13.00 -13.58
N LYS A 295 -3.61 12.65 -14.26
CA LYS A 295 -2.41 13.48 -14.27
C LYS A 295 -2.67 14.86 -14.85
N ASN A 296 -3.63 14.97 -15.78
CA ASN A 296 -4.00 16.23 -16.44
C ASN A 296 -5.16 16.97 -15.78
N HIS A 297 -5.68 16.46 -14.66
CA HIS A 297 -6.79 17.15 -14.00
C HIS A 297 -6.31 18.46 -13.37
N LYS A 298 -7.21 19.45 -13.33
CA LYS A 298 -6.88 20.76 -12.76
C LYS A 298 -6.30 20.70 -11.33
N TRP A 299 -6.74 19.75 -10.50
CA TRP A 299 -6.20 19.69 -9.14
C TRP A 299 -4.71 19.40 -9.11
N PHE A 300 -4.19 18.72 -10.15
CA PHE A 300 -2.77 18.39 -10.27
C PHE A 300 -2.00 19.37 -11.20
N ALA A 301 -2.56 20.52 -11.56
CA ALA A 301 -1.91 21.38 -12.55
C ALA A 301 -0.54 21.88 -12.10
N THR A 302 -0.32 22.05 -10.81
CA THR A 302 0.98 22.50 -10.28
C THR A 302 1.97 21.37 -10.03
N THR A 303 1.60 20.11 -10.27
CA THR A 303 2.49 18.98 -9.98
C THR A 303 3.50 18.77 -11.10
N ASP A 304 4.78 18.70 -10.72
CA ASP A 304 5.89 18.38 -11.61
C ASP A 304 6.17 16.88 -11.44
N TRP A 305 5.62 16.06 -12.34
CA TRP A 305 5.65 14.61 -12.19
C TRP A 305 7.08 14.05 -12.13
N ILE A 306 7.97 14.53 -13.00
N ILE A 306 7.98 14.54 -12.99
CA ILE A 306 9.36 14.08 -12.96
CA ILE A 306 9.35 14.04 -12.96
C ILE A 306 10.00 14.42 -11.63
C ILE A 306 10.06 14.45 -11.66
N ALA A 307 9.81 15.67 -11.17
CA ALA A 307 10.42 16.10 -9.91
C ALA A 307 9.93 15.25 -8.73
N ILE A 308 8.65 14.85 -8.72
CA ILE A 308 8.16 13.94 -7.69
C ILE A 308 8.89 12.59 -7.78
N TYR A 309 8.93 12.01 -9.00
CA TYR A 309 9.62 10.72 -9.21
C TYR A 309 11.06 10.77 -8.70
N GLN A 310 11.77 11.85 -8.99
CA GLN A 310 13.17 12.03 -8.60
C GLN A 310 13.35 12.51 -7.16
N ARG A 311 12.25 12.72 -6.43
N ARG A 311 12.26 12.69 -6.40
CA ARG A 311 12.29 13.10 -5.01
CA ARG A 311 12.34 13.12 -5.01
C ARG A 311 12.91 14.48 -4.79
C ARG A 311 13.03 14.48 -4.85
N LYS A 312 12.68 15.41 -5.74
CA LYS A 312 13.25 16.75 -5.71
C LYS A 312 12.28 17.82 -5.20
N VAL A 313 11.06 17.46 -4.89
CA VAL A 313 10.08 18.39 -4.34
C VAL A 313 10.23 18.42 -2.81
N GLU A 314 10.17 19.62 -2.22
N GLU A 314 10.18 19.61 -2.21
CA GLU A 314 10.24 19.75 -0.77
CA GLU A 314 10.30 19.73 -0.77
C GLU A 314 9.08 19.00 -0.12
C GLU A 314 9.11 19.06 -0.09
N ALA A 315 9.41 18.19 0.91
CA ALA A 315 8.36 17.40 1.54
C ALA A 315 7.60 18.23 2.59
N PRO A 316 6.33 17.89 2.84
CA PRO A 316 5.57 18.56 3.92
C PRO A 316 6.25 18.49 5.28
N PHE A 317 6.89 17.38 5.62
CA PHE A 317 7.66 17.28 6.86
C PHE A 317 8.64 16.10 6.76
N ILE A 318 9.68 16.16 7.58
CA ILE A 318 10.67 15.10 7.75
C ILE A 318 10.41 14.44 9.09
N PRO A 319 10.24 13.12 9.16
CA PRO A 319 9.99 12.49 10.46
C PRO A 319 11.18 12.69 11.39
N LYS A 320 10.88 12.73 12.69
CA LYS A 320 11.92 12.80 13.71
C LYS A 320 12.74 11.51 13.70
N PHE A 321 14.05 11.63 13.88
CA PHE A 321 14.95 10.50 13.86
C PHE A 321 15.92 10.60 15.04
N LYS A 322 15.86 9.64 15.96
CA LYS A 322 16.72 9.60 17.14
C LYS A 322 17.75 8.48 17.09
N GLY A 323 18.22 8.14 15.89
CA GLY A 323 19.30 7.19 15.75
C GLY A 323 18.84 5.90 15.07
N PRO A 324 19.79 5.13 14.55
CA PRO A 324 19.44 3.84 13.96
C PRO A 324 18.82 2.93 15.01
N GLY A 325 17.80 2.20 14.59
CA GLY A 325 17.07 1.32 15.48
C GLY A 325 15.97 1.97 16.28
N ASP A 326 15.80 3.29 16.22
CA ASP A 326 14.74 3.99 16.94
C ASP A 326 13.38 3.67 16.31
N THR A 327 12.40 3.35 17.16
CA THR A 327 11.02 3.04 16.71
C THR A 327 9.98 4.02 17.25
N SER A 328 10.38 5.22 17.66
N SER A 328 10.39 5.22 17.66
CA SER A 328 9.47 6.15 18.32
CA SER A 328 9.47 6.15 18.31
C SER A 328 8.34 6.65 17.41
C SER A 328 8.29 6.56 17.42
N ASN A 329 8.42 6.43 16.10
CA ASN A 329 7.33 6.78 15.19
C ASN A 329 6.28 5.68 15.02
N PHE A 330 6.43 4.57 15.75
CA PHE A 330 5.53 3.42 15.73
C PHE A 330 4.99 3.15 17.14
N ASP A 331 3.73 2.69 17.19
CA ASP A 331 3.14 2.14 18.41
C ASP A 331 3.90 0.89 18.89
N ASP A 332 3.71 0.56 20.17
CA ASP A 332 4.22 -0.66 20.76
C ASP A 332 3.17 -1.76 20.68
N TYR A 333 3.63 -3.00 20.57
CA TYR A 333 2.78 -4.18 20.44
C TYR A 333 3.23 -5.25 21.41
N GLU A 334 2.29 -6.10 21.81
CA GLU A 334 2.63 -7.27 22.61
C GLU A 334 3.53 -8.21 21.81
N GLU A 335 4.58 -8.73 22.45
CA GLU A 335 5.55 -9.58 21.76
C GLU A 335 5.22 -11.05 21.94
N GLU A 336 5.50 -11.84 20.90
CA GLU A 336 5.27 -13.28 20.94
C GLU A 336 6.49 -13.99 20.39
N GLU A 337 6.76 -15.18 20.93
CA GLU A 337 7.93 -15.94 20.50
C GLU A 337 7.80 -16.33 19.03
N ILE A 338 8.95 -16.66 18.44
CA ILE A 338 9.02 -17.25 17.11
C ILE A 338 9.48 -18.68 17.32
N ARG A 339 8.55 -19.62 17.29
CA ARG A 339 8.90 -21.03 17.39
C ARG A 339 9.19 -21.61 16.01
N VAL A 340 10.19 -22.48 15.96
CA VAL A 340 10.54 -23.23 14.76
C VAL A 340 10.54 -24.70 15.11
N SEP A 341 9.61 -25.44 14.53
CA SEP A 341 9.46 -26.87 14.80
CB SEP A 341 8.16 -27.34 14.13
OG SEP A 341 8.01 -28.75 14.17
C SEP A 341 10.66 -27.68 14.28
O SEP A 341 11.37 -27.24 13.37
P SEP A 341 7.27 -29.29 15.51
O1P SEP A 341 6.19 -28.23 16.04
O2P SEP A 341 8.44 -29.53 16.57
O3P SEP A 341 6.54 -30.66 15.10
H SEP A 341 9.05 -25.13 13.95
HA SEP A 341 9.38 -27.00 15.76
HB2 SEP A 341 8.17 -27.05 13.21
HB3 SEP A 341 7.42 -26.93 14.59
N ILE A 342 10.88 -28.85 14.88
CA ILE A 342 11.91 -29.79 14.44
C ILE A 342 11.47 -30.52 13.16
N ASN A 343 10.19 -30.39 12.78
CA ASN A 343 9.63 -31.04 11.61
C ASN A 343 9.14 -30.01 10.60
N GLU A 344 9.37 -30.29 9.32
CA GLU A 344 8.97 -29.35 8.27
C GLU A 344 7.45 -29.39 8.08
N LYS A 345 6.84 -28.21 8.01
CA LYS A 345 5.41 -28.08 7.80
C LYS A 345 5.13 -27.54 6.40
N CYS A 346 4.14 -28.13 5.73
CA CYS A 346 3.57 -27.56 4.51
C CYS A 346 4.61 -27.39 3.41
N GLY A 347 5.55 -28.33 3.32
CA GLY A 347 6.62 -28.18 2.35
C GLY A 347 6.14 -28.05 0.92
N LYS A 348 5.24 -28.95 0.50
CA LYS A 348 4.81 -28.97 -0.91
C LYS A 348 4.15 -27.65 -1.29
N GLU A 349 3.31 -27.11 -0.41
CA GLU A 349 2.53 -25.91 -0.72
C GLU A 349 3.42 -24.71 -1.01
N PHE A 350 4.57 -24.62 -0.33
CA PHE A 350 5.44 -23.44 -0.39
C PHE A 350 6.77 -23.71 -1.09
N THR A 351 6.81 -24.77 -1.90
CA THR A 351 8.04 -25.13 -2.62
C THR A 351 8.69 -23.94 -3.33
N GLU A 352 7.90 -23.09 -3.99
CA GLU A 352 8.50 -22.05 -4.84
C GLU A 352 8.92 -20.82 -4.04
N PHE A 353 8.55 -20.71 -2.77
CA PHE A 353 8.87 -19.55 -1.97
C PHE A 353 10.38 -19.47 -1.72
N THR B 1 -21.08 17.48 14.38
CA THR B 1 -20.25 17.61 13.16
C THR B 1 -19.85 16.22 12.67
N THR B 2 -19.53 16.10 11.38
CA THR B 2 -19.12 14.82 10.83
C THR B 2 -17.82 14.34 11.49
N TYR B 3 -16.88 15.26 11.71
CA TYR B 3 -15.65 14.94 12.45
C TYR B 3 -15.96 14.35 13.83
N ALA B 4 -16.83 14.99 14.61
CA ALA B 4 -17.14 14.49 15.95
C ALA B 4 -17.74 13.09 15.86
N ASP B 5 -18.58 12.84 14.85
CA ASP B 5 -19.19 11.53 14.70
C ASP B 5 -18.13 10.47 14.33
N PHE B 6 -17.16 10.83 13.48
CA PHE B 6 -16.07 9.89 13.21
C PHE B 6 -15.26 9.58 14.47
N ILE B 7 -14.87 10.63 15.22
CA ILE B 7 -13.96 10.46 16.38
C ILE B 7 -14.60 9.61 17.48
N ALA B 8 -15.94 9.64 17.60
CA ALA B 8 -16.71 8.83 18.55
C ALA B 8 -17.04 7.44 18.04
N SER B 9 -16.68 7.13 16.80
CA SER B 9 -16.96 5.84 16.20
C SER B 9 -15.92 4.79 16.62
N GLY B 10 -16.24 3.54 16.31
CA GLY B 10 -15.38 2.42 16.66
C GLY B 10 -14.26 2.10 15.70
N ARG B 11 -14.10 2.87 14.62
CA ARG B 11 -13.15 2.53 13.55
C ARG B 11 -12.14 3.66 13.29
N THR B 12 -11.60 4.25 14.37
CA THR B 12 -10.60 5.32 14.28
C THR B 12 -9.17 4.82 14.41
N GLY B 13 -8.99 3.55 14.81
CA GLY B 13 -7.66 2.95 14.92
C GLY B 13 -7.28 2.20 13.64
N ARG B 14 -6.11 1.53 13.71
CA ARG B 14 -5.62 0.80 12.55
C ARG B 14 -6.63 -0.25 12.07
N ARG B 15 -6.86 -0.28 10.76
CA ARG B 15 -7.88 -1.14 10.14
C ARG B 15 -7.23 -2.34 9.45
N SER B 16 -7.78 -3.54 9.69
CA SER B 16 -7.26 -4.79 9.13
C SER B 16 -7.98 -5.14 7.84
N ALA B 17 -7.28 -5.92 7.00
CA ALA B 17 -7.87 -6.48 5.80
C ALA B 17 -8.93 -7.52 6.15
N ILE B 18 -9.91 -7.67 5.25
CA ILE B 18 -11.03 -8.59 5.48
C ILE B 18 -10.59 -10.02 5.22
O5' AMP C . 2.32 -4.44 7.37
C5' AMP C . 1.94 -4.37 8.75
C4' AMP C . 2.57 -3.18 9.47
O4' AMP C . 3.99 -3.40 9.68
C3' AMP C . 2.50 -1.84 8.75
O3' AMP C . 1.22 -1.23 8.90
C2' AMP C . 3.66 -1.07 9.40
O2' AMP C . 3.32 -0.62 10.70
C1' AMP C . 4.69 -2.18 9.56
N9 AMP C . 5.63 -2.31 8.42
C8 AMP C . 5.44 -3.05 7.29
N7 AMP C . 6.54 -2.97 6.49
C5 AMP C . 7.42 -2.14 7.12
C6 AMP C . 8.73 -1.62 6.77
N6 AMP C . 9.34 -2.01 5.64
N1 AMP C . 9.32 -0.77 7.65
C2 AMP C . 8.71 -0.45 8.81
N3 AMP C . 7.48 -0.86 9.20
C4 AMP C . 6.83 -1.71 8.36
H5'1 AMP C . 2.25 -5.28 9.26
H5'2 AMP C . 0.85 -4.29 8.82
H4' AMP C . 2.07 -3.07 10.44
H3' AMP C . 2.72 -2.00 7.69
HO3' AMP C . 1.22 -0.38 8.44
H2' AMP C . 4.03 -0.26 8.74
HO2' AMP C . 2.57 -0.02 10.64
H1' AMP C . 5.26 -2.00 10.48
H8 AMP C . 4.58 -3.67 7.09
HN61 AMP C . 10.25 -1.64 5.40
HN62 AMP C . 8.86 -2.62 4.99
C1 MPD D . 9.60 8.62 -15.00
C2 MPD D . 8.06 8.71 -14.91
O2 MPD D . 7.56 9.10 -16.21
CM MPD D . 7.69 9.79 -13.86
C3 MPD D . 7.51 7.30 -14.56
C4 MPD D . 5.99 7.13 -14.56
O4 MPD D . 5.61 7.14 -15.91
C5 MPD D . 5.40 5.83 -13.96
H11 MPD D . 9.92 7.60 -14.78
H12 MPD D . 9.93 8.91 -15.99
H13 MPD D . 10.04 9.30 -14.26
HO2 MPD D . 6.98 8.38 -16.57
HM1 MPD D . 7.12 9.33 -13.06
HM2 MPD D . 7.12 10.58 -14.34
HM3 MPD D . 8.61 10.21 -13.46
H31 MPD D . 7.87 7.04 -13.57
H32 MPD D . 7.94 6.59 -15.26
H4 MPD D . 5.53 7.97 -14.05
HO4 MPD D . 4.77 7.63 -16.02
H51 MPD D . 4.87 5.27 -14.73
H52 MPD D . 6.22 5.21 -13.57
H53 MPD D . 4.72 6.08 -13.14
C1 MPD E . 5.12 10.50 15.65
C2 MPD E . 3.66 10.06 15.92
O2 MPD E . 3.18 10.80 17.08
CM MPD E . 2.72 10.54 14.81
C3 MPD E . 3.61 8.52 16.06
C4 MPD E . 3.07 7.96 17.35
O4 MPD E . 1.66 8.17 17.39
C5 MPD E . 3.35 6.47 17.43
H11 MPD E . 5.76 9.62 15.62
H12 MPD E . 5.17 11.02 14.70
H13 MPD E . 5.45 11.17 16.44
HO2 MPD E . 2.88 10.17 17.77
HM1 MPD E . 2.23 9.69 14.36
HM2 MPD E . 1.98 11.22 15.23
HM3 MPD E . 3.31 11.06 14.05
H31 MPD E . 3.00 8.13 15.25
H32 MPD E . 4.61 8.12 15.91
H4 MPD E . 3.55 8.46 18.19
HO4 MPD E . 1.32 7.95 18.29
H51 MPD E . 2.40 5.92 17.50
H52 MPD E . 3.88 6.15 16.53
H53 MPD E . 3.95 6.26 18.31
C1 RIP F . -5.54 -5.44 11.50
C2 RIP F . -5.30 -4.78 12.86
C3 RIP F . -5.82 -5.67 13.98
C4 RIP F . -5.17 -7.04 13.88
C5 RIP F . -5.45 -7.62 12.51
O2 RIP F . -3.90 -4.58 13.06
O4 RIP F . -3.76 -6.91 14.06
O5 RIP F . -4.97 -6.75 11.46
H2 RIP F . -5.81 -3.82 12.91
H3 RIP F . -6.90 -5.78 13.87
H4 RIP F . -5.49 -7.69 14.69
H51 RIP F . -4.90 -8.54 12.32
H52 RIP F . -6.50 -7.85 12.36
HO2 RIP F . -3.56 -4.13 12.25
HO4 RIP F . -3.44 -7.65 14.64
#